data_4PW6
#
_entry.id   4PW6
#
_cell.length_a   115.368
_cell.length_b   115.368
_cell.length_c   41.049
_cell.angle_alpha   90.00
_cell.angle_beta   90.00
_cell.angle_gamma   90.00
#
_symmetry.space_group_name_H-M   'P 41'
#
loop_
_entity.id
_entity.type
_entity.pdbx_description
1 polymer 'E3 ubiquitin-protein ligase UHRF2'
2 polymer '5hmC-containing DNA1'
3 polymer '5hmC-containing DNA2'
#
loop_
_entity_poly.entity_id
_entity_poly.type
_entity_poly.pdbx_seq_one_letter_code
_entity_poly.pdbx_strand_id
1 'polypeptide(L)'
;STESRRDWGRGMACVGRTRECTIVPSNHYGPIPGIPVGSTWRFRVQVSEAGVHRPHVGGIHGRSNDGAYSLVLAGGFADE
VDRGDEFTYTGSGGKNLAGNKRIGAPSADQTLTNMNRALALNCDAPLDDKIGAESRNWRAGKPVRVIRSFKGRKISKYAP
EEGNRYDGIYKVVKYWPEISSSHGFLVWRYLLRRDDVEPAPWTSEGIERSRRLCLRLQYPAGYPSDKEGK
;
A,B
2 'polydeoxyribonucleotide' (DG)(DT)(DG)(DA)(DT)(5HC)(DG)(DA)(DA)(DG)(DT)(DT) C
3 'polydeoxyribonucleotide' (DA)(DA)(DC)(DT)(DT)(DC)(DG)(DA)(DT)(DC)(DA)(DC) D
#
# COMPACT_ATOMS: atom_id res chain seq x y z
N ILE A 23 3.07 8.53 -22.48
CA ILE A 23 2.29 8.52 -23.73
C ILE A 23 1.20 9.59 -23.70
N VAL A 24 0.41 9.59 -22.63
CA VAL A 24 -0.68 10.55 -22.48
C VAL A 24 -0.51 11.32 -21.17
N PRO A 25 -1.01 12.57 -21.13
CA PRO A 25 -0.92 13.38 -19.91
C PRO A 25 -1.76 12.81 -18.76
N SER A 26 -1.44 13.20 -17.53
CA SER A 26 -2.15 12.71 -16.36
C SER A 26 -3.58 13.25 -16.28
N ASN A 27 -3.82 14.39 -16.93
CA ASN A 27 -5.14 15.01 -16.90
C ASN A 27 -5.96 14.68 -18.14
N HIS A 28 -5.69 13.52 -18.73
CA HIS A 28 -6.39 13.10 -19.94
C HIS A 28 -7.81 12.62 -19.64
N TYR A 29 -8.78 13.24 -20.30
CA TYR A 29 -10.18 12.82 -20.19
C TYR A 29 -10.55 11.85 -21.31
N GLY A 30 -11.35 10.85 -20.96
CA GLY A 30 -11.83 9.90 -21.94
C GLY A 30 -11.02 8.62 -22.02
N PRO A 31 -11.39 7.72 -22.95
CA PRO A 31 -10.73 6.43 -23.14
C PRO A 31 -9.26 6.58 -23.54
N ILE A 32 -8.43 5.63 -23.09
CA ILE A 32 -7.03 5.60 -23.46
C ILE A 32 -6.86 4.91 -24.82
N PRO A 33 -6.21 5.58 -25.78
CA PRO A 33 -6.02 5.07 -27.13
C PRO A 33 -5.38 3.68 -27.17
N GLY A 34 -5.99 2.78 -27.94
CA GLY A 34 -5.47 1.44 -28.11
C GLY A 34 -5.94 0.45 -27.07
N ILE A 35 -6.70 0.92 -26.09
CA ILE A 35 -7.20 0.07 -25.03
C ILE A 35 -8.73 -0.03 -25.07
N PRO A 36 -9.25 -1.11 -25.66
CA PRO A 36 -10.70 -1.33 -25.79
C PRO A 36 -11.34 -1.80 -24.49
N VAL A 37 -12.64 -1.55 -24.34
CA VAL A 37 -13.40 -2.04 -23.20
C VAL A 37 -13.33 -3.57 -23.13
N GLY A 38 -13.06 -4.10 -21.94
CA GLY A 38 -12.94 -5.54 -21.75
C GLY A 38 -11.53 -5.95 -21.40
N SER A 39 -10.58 -5.02 -21.53
CA SER A 39 -9.20 -5.26 -21.15
C SER A 39 -9.09 -5.53 -19.66
N THR A 40 -8.27 -6.51 -19.29
CA THR A 40 -8.18 -6.92 -17.89
C THR A 40 -6.73 -7.11 -17.44
N TRP A 41 -6.40 -6.54 -16.28
CA TRP A 41 -5.08 -6.69 -15.69
C TRP A 41 -5.20 -7.26 -14.28
N ARG A 42 -4.23 -8.07 -13.88
CA ARG A 42 -4.26 -8.71 -12.57
C ARG A 42 -4.06 -7.71 -11.44
N PHE A 43 -3.09 -6.80 -11.59
CA PHE A 43 -2.74 -5.89 -10.51
C PHE A 43 -3.03 -4.44 -10.85
N ARG A 44 -3.28 -3.64 -9.82
CA ARG A 44 -3.54 -2.21 -9.96
C ARG A 44 -2.36 -1.46 -10.58
N VAL A 45 -1.15 -1.91 -10.28
CA VAL A 45 0.07 -1.28 -10.79
C VAL A 45 0.13 -1.39 -12.32
N GLN A 46 -0.42 -2.48 -12.85
CA GLN A 46 -0.50 -2.68 -14.30
C GLN A 46 -1.43 -1.63 -14.91
N VAL A 47 -2.52 -1.36 -14.21
CA VAL A 47 -3.49 -0.36 -14.63
C VAL A 47 -2.87 1.03 -14.56
N SER A 48 -2.00 1.22 -13.58
CA SER A 48 -1.30 2.49 -13.42
C SER A 48 -0.32 2.73 -14.57
N GLU A 49 0.49 1.73 -14.87
CA GLU A 49 1.46 1.82 -15.97
C GLU A 49 0.75 1.92 -17.32
N ALA A 50 -0.43 1.33 -17.41
CA ALA A 50 -1.21 1.40 -18.64
C ALA A 50 -1.81 2.79 -18.86
N GLY A 51 -1.83 3.59 -17.79
CA GLY A 51 -2.34 4.95 -17.86
C GLY A 51 -3.83 5.07 -17.66
N VAL A 52 -4.49 3.93 -17.46
CA VAL A 52 -5.94 3.91 -17.29
C VAL A 52 -6.33 4.47 -15.91
N HIS A 53 -5.63 4.04 -14.87
CA HIS A 53 -5.85 4.55 -13.53
C HIS A 53 -4.51 4.69 -12.81
N ARG A 54 -3.97 5.90 -12.83
CA ARG A 54 -2.61 6.18 -12.37
C ARG A 54 -2.30 5.83 -10.90
N PRO A 55 -3.22 6.12 -9.97
CA PRO A 55 -2.88 5.76 -8.57
C PRO A 55 -2.70 4.26 -8.35
N HIS A 56 -1.72 3.90 -7.54
CA HIS A 56 -1.45 2.51 -7.21
C HIS A 56 -2.44 1.99 -6.17
N VAL A 57 -2.92 2.88 -5.31
CA VAL A 57 -3.81 2.49 -4.22
C VAL A 57 -5.15 3.20 -4.30
N GLY A 58 -5.11 4.53 -4.45
CA GLY A 58 -6.32 5.34 -4.47
C GLY A 58 -7.38 4.87 -5.44
N GLY A 59 -8.63 4.98 -5.03
CA GLY A 59 -9.74 4.53 -5.86
C GLY A 59 -10.13 5.54 -6.92
N ILE A 60 -9.89 6.82 -6.63
CA ILE A 60 -10.29 7.89 -7.54
C ILE A 60 -9.09 8.68 -8.05
N HIS A 61 -8.97 8.79 -9.37
CA HIS A 61 -7.97 9.66 -9.97
C HIS A 61 -8.62 10.91 -10.55
N GLY A 62 -8.30 12.05 -9.95
CA GLY A 62 -8.81 13.34 -10.39
C GLY A 62 -8.11 14.50 -9.71
N ARG A 63 -8.51 15.72 -10.04
CA ARG A 63 -7.96 16.92 -9.43
C ARG A 63 -9.06 17.80 -8.85
N SER A 64 -8.85 18.26 -7.62
CA SER A 64 -9.89 18.93 -6.84
C SER A 64 -10.43 20.22 -7.48
N ASN A 65 -9.62 20.86 -8.32
CA ASN A 65 -10.04 22.10 -8.96
C ASN A 65 -10.20 21.95 -10.47
N ASP A 66 -10.37 20.71 -10.92
CA ASP A 66 -10.59 20.42 -12.34
C ASP A 66 -11.72 19.41 -12.49
N GLY A 67 -11.42 18.16 -12.15
CA GLY A 67 -12.38 17.08 -12.26
C GLY A 67 -11.76 15.72 -12.03
N ALA A 68 -12.58 14.68 -12.17
CA ALA A 68 -12.10 13.31 -11.97
C ALA A 68 -11.88 12.62 -13.31
N TYR A 69 -10.80 11.84 -13.40
CA TYR A 69 -10.44 11.18 -14.65
C TYR A 69 -10.81 9.71 -14.64
N SER A 70 -10.76 9.07 -13.47
CA SER A 70 -11.08 7.65 -13.39
C SER A 70 -11.46 7.19 -12.00
N LEU A 71 -12.11 6.02 -11.92
CA LEU A 71 -12.48 5.44 -10.63
C LEU A 71 -12.55 3.91 -10.68
N VAL A 72 -12.46 3.28 -9.51
CA VAL A 72 -12.42 1.84 -9.39
C VAL A 72 -13.49 1.30 -8.44
N LEU A 73 -14.23 0.29 -8.89
CA LEU A 73 -15.22 -0.40 -8.06
C LEU A 73 -14.65 -1.68 -7.48
N ALA A 74 -14.32 -1.67 -6.19
CA ALA A 74 -13.73 -2.83 -5.55
C ALA A 74 -14.54 -3.25 -4.33
N GLY A 75 -15.81 -2.85 -4.27
CA GLY A 75 -16.72 -3.28 -3.23
C GLY A 75 -16.36 -2.79 -1.85
N GLY A 76 -15.68 -1.65 -1.78
CA GLY A 76 -15.25 -1.09 -0.50
C GLY A 76 -16.40 -0.71 0.41
N PHE A 77 -17.56 -0.48 -0.17
CA PHE A 77 -18.75 -0.11 0.61
C PHE A 77 -19.88 -1.10 0.38
N ALA A 78 -20.34 -1.71 1.47
CA ALA A 78 -21.35 -2.76 1.41
C ALA A 78 -22.72 -2.26 0.96
N ASP A 79 -22.91 -0.94 0.98
CA ASP A 79 -24.21 -0.37 0.66
C ASP A 79 -24.30 0.12 -0.78
N GLU A 80 -23.22 -0.05 -1.54
CA GLU A 80 -23.20 0.35 -2.94
C GLU A 80 -23.99 -0.64 -3.80
N VAL A 81 -24.49 -0.16 -4.94
CA VAL A 81 -25.23 -0.99 -5.87
C VAL A 81 -24.60 -0.93 -7.26
N ASP A 82 -24.96 -1.88 -8.12
CA ASP A 82 -24.44 -1.93 -9.47
C ASP A 82 -25.43 -2.61 -10.40
N ARG A 83 -25.93 -1.85 -11.38
CA ARG A 83 -26.87 -2.37 -12.35
C ARG A 83 -26.23 -2.41 -13.74
N GLY A 84 -24.91 -2.26 -13.76
CA GLY A 84 -24.17 -2.28 -15.01
C GLY A 84 -24.15 -0.92 -15.69
N ASP A 85 -25.27 -0.55 -16.32
CA ASP A 85 -25.37 0.74 -16.99
C ASP A 85 -25.40 1.88 -15.98
N GLU A 86 -25.83 1.57 -14.76
CA GLU A 86 -25.88 2.56 -13.68
C GLU A 86 -25.35 1.95 -12.38
N PHE A 87 -24.63 2.75 -11.60
CA PHE A 87 -24.18 2.29 -10.28
C PHE A 87 -23.90 3.46 -9.34
N THR A 88 -23.90 3.18 -8.04
CA THR A 88 -23.57 4.18 -7.04
C THR A 88 -22.11 4.06 -6.63
N TYR A 89 -21.54 5.18 -6.18
CA TYR A 89 -20.16 5.22 -5.77
C TYR A 89 -20.02 6.06 -4.50
N THR A 90 -19.01 5.77 -3.70
CA THR A 90 -18.82 6.48 -2.43
C THR A 90 -17.45 7.15 -2.36
N GLY A 91 -17.42 8.38 -1.86
CA GLY A 91 -16.19 9.12 -1.72
C GLY A 91 -15.23 8.52 -0.71
N SER A 92 -14.01 9.06 -0.66
CA SER A 92 -13.00 8.58 0.27
C SER A 92 -12.83 9.52 1.45
N SER A 107 -14.32 6.68 10.26
CA SER A 107 -14.45 7.03 11.67
C SER A 107 -15.07 8.41 11.84
N ALA A 108 -15.13 9.17 10.75
CA ALA A 108 -15.70 10.51 10.79
C ALA A 108 -16.48 10.82 9.51
N ASP A 109 -17.21 11.92 9.51
CA ASP A 109 -18.02 12.32 8.36
C ASP A 109 -17.13 12.76 7.20
N GLN A 110 -17.55 12.40 5.98
CA GLN A 110 -16.80 12.76 4.78
C GLN A 110 -17.10 14.19 4.35
N THR A 111 -16.18 14.77 3.58
CA THR A 111 -16.33 16.12 3.07
C THR A 111 -16.13 16.16 1.57
N LEU A 112 -16.67 17.19 0.92
CA LEU A 112 -16.55 17.35 -0.52
C LEU A 112 -15.24 18.06 -0.88
N THR A 113 -14.12 17.40 -0.63
CA THR A 113 -12.81 17.96 -0.95
C THR A 113 -11.95 16.94 -1.67
N ASN A 114 -10.85 17.42 -2.24
CA ASN A 114 -9.90 16.58 -2.98
C ASN A 114 -10.57 15.77 -4.09
N MET A 115 -10.44 14.45 -4.01
CA MET A 115 -10.96 13.56 -5.04
C MET A 115 -12.49 13.60 -5.12
N ASN A 116 -13.14 13.81 -3.98
CA ASN A 116 -14.60 13.88 -3.92
C ASN A 116 -15.11 15.10 -4.68
N ARG A 117 -14.50 16.25 -4.41
CA ARG A 117 -14.85 17.49 -5.11
C ARG A 117 -14.53 17.36 -6.59
N ALA A 118 -13.42 16.69 -6.88
CA ALA A 118 -13.03 16.41 -8.27
C ALA A 118 -14.12 15.64 -8.99
N LEU A 119 -14.63 14.58 -8.36
CA LEU A 119 -15.69 13.79 -8.95
C LEU A 119 -16.98 14.61 -9.08
N ALA A 120 -17.22 15.48 -8.10
CA ALA A 120 -18.40 16.34 -8.13
C ALA A 120 -18.36 17.30 -9.31
N LEU A 121 -17.16 17.76 -9.67
CA LEU A 121 -17.00 18.73 -10.76
C LEU A 121 -17.37 18.15 -12.11
N ASN A 122 -17.29 16.84 -12.25
CA ASN A 122 -17.60 16.17 -13.52
C ASN A 122 -19.08 16.25 -13.85
N CYS A 123 -19.90 16.40 -12.82
CA CYS A 123 -21.35 16.50 -13.00
C CYS A 123 -21.72 17.83 -13.64
N ASP A 124 -22.58 17.78 -14.65
CA ASP A 124 -23.04 19.00 -15.32
C ASP A 124 -24.07 19.71 -14.46
N ALA A 125 -23.61 20.37 -13.41
CA ALA A 125 -24.48 21.03 -12.45
C ALA A 125 -23.68 21.93 -11.51
N PRO A 126 -24.31 22.99 -10.99
CA PRO A 126 -23.66 23.86 -10.01
C PRO A 126 -23.23 23.09 -8.77
N LEU A 127 -22.07 23.45 -8.21
CA LEU A 127 -21.56 22.75 -7.04
C LEU A 127 -22.35 23.10 -5.78
N ASP A 128 -22.79 22.07 -5.07
CA ASP A 128 -23.53 22.26 -3.84
C ASP A 128 -22.98 21.33 -2.76
N ASP A 129 -22.27 21.92 -1.80
CA ASP A 129 -21.62 21.14 -0.74
C ASP A 129 -22.53 20.87 0.45
N LYS A 130 -23.81 21.18 0.30
CA LYS A 130 -24.78 20.96 1.37
C LYS A 130 -25.70 19.79 1.08
N ILE A 131 -26.41 19.84 -0.05
CA ILE A 131 -27.38 18.81 -0.39
C ILE A 131 -27.07 18.16 -1.73
N GLY A 132 -25.96 18.57 -2.34
CA GLY A 132 -25.58 18.06 -3.63
C GLY A 132 -26.43 18.64 -4.74
N ALA A 133 -26.33 18.08 -5.94
CA ALA A 133 -27.07 18.59 -7.08
C ALA A 133 -27.31 17.50 -8.13
N GLU A 134 -28.25 17.77 -9.03
CA GLU A 134 -28.57 16.84 -10.11
C GLU A 134 -28.33 17.51 -11.46
N SER A 135 -27.62 16.81 -12.35
CA SER A 135 -27.29 17.36 -13.66
C SER A 135 -28.53 17.63 -14.50
N ARG A 136 -28.49 18.70 -15.29
CA ARG A 136 -29.57 19.04 -16.20
C ARG A 136 -29.44 18.20 -17.47
N ASN A 137 -28.20 18.04 -17.93
CA ASN A 137 -27.90 17.19 -19.06
C ASN A 137 -26.74 16.26 -18.71
N TRP A 138 -27.07 15.06 -18.23
CA TRP A 138 -26.08 14.12 -17.73
C TRP A 138 -25.03 13.74 -18.78
N ARG A 139 -25.42 13.75 -20.04
CA ARG A 139 -24.48 13.41 -21.11
C ARG A 139 -23.46 14.52 -21.32
N ALA A 140 -23.77 15.73 -20.85
CA ALA A 140 -22.87 16.86 -20.98
C ALA A 140 -21.78 16.83 -19.90
N GLY A 141 -21.96 15.95 -18.92
CA GLY A 141 -21.00 15.81 -17.84
C GLY A 141 -19.65 15.27 -18.32
N LYS A 142 -18.62 15.48 -17.51
CA LYS A 142 -17.27 15.03 -17.86
C LYS A 142 -17.19 13.51 -17.84
N PRO A 143 -16.46 12.94 -18.82
CA PRO A 143 -16.30 11.49 -18.95
C PRO A 143 -15.40 10.89 -17.87
N VAL A 144 -15.78 9.73 -17.35
CA VAL A 144 -15.01 9.06 -16.32
C VAL A 144 -14.69 7.62 -16.70
N ARG A 145 -13.41 7.26 -16.71
CA ARG A 145 -13.01 5.88 -16.95
C ARG A 145 -13.35 5.04 -15.73
N VAL A 146 -14.09 3.94 -15.95
CA VAL A 146 -14.53 3.11 -14.84
C VAL A 146 -13.92 1.71 -14.90
N ILE A 147 -13.26 1.31 -13.82
CA ILE A 147 -12.64 -0.01 -13.76
C ILE A 147 -13.25 -0.85 -12.65
N ARG A 148 -13.82 -2.00 -13.02
CA ARG A 148 -14.38 -2.91 -12.03
C ARG A 148 -13.38 -3.98 -11.62
N SER A 149 -13.19 -4.15 -10.32
CA SER A 149 -12.30 -5.17 -9.78
C SER A 149 -13.07 -6.40 -9.35
N PHE A 150 -12.40 -7.55 -9.32
CA PHE A 150 -13.01 -8.79 -8.86
C PHE A 150 -13.43 -8.67 -7.39
N LYS A 151 -12.75 -7.81 -6.66
CA LYS A 151 -13.03 -7.59 -5.24
C LYS A 151 -14.46 -7.09 -5.02
N GLY A 152 -15.05 -6.52 -6.07
CA GLY A 152 -16.41 -6.02 -6.02
C GLY A 152 -17.47 -7.11 -6.10
N ARG A 153 -17.03 -8.35 -6.25
CA ARG A 153 -17.95 -9.48 -6.37
C ARG A 153 -18.85 -9.66 -5.15
N LYS A 154 -18.41 -9.12 -4.01
CA LYS A 154 -19.16 -9.28 -2.77
C LYS A 154 -20.38 -8.36 -2.70
N ILE A 155 -20.42 -7.35 -3.57
CA ILE A 155 -21.54 -6.41 -3.59
C ILE A 155 -22.12 -6.26 -4.99
N SER A 156 -21.35 -6.67 -6.00
CA SER A 156 -21.75 -6.48 -7.39
C SER A 156 -21.66 -7.77 -8.19
N LYS A 157 -22.71 -8.06 -8.95
CA LYS A 157 -22.74 -9.23 -9.81
C LYS A 157 -22.04 -8.97 -11.14
N TYR A 158 -21.67 -7.70 -11.35
CA TYR A 158 -21.06 -7.31 -12.61
C TYR A 158 -19.54 -7.29 -12.52
N ALA A 159 -19.01 -7.48 -11.31
CA ALA A 159 -17.58 -7.55 -11.10
C ALA A 159 -17.00 -8.76 -11.84
N PRO A 160 -15.81 -8.60 -12.43
CA PRO A 160 -15.15 -9.67 -13.17
C PRO A 160 -14.70 -10.81 -12.27
N GLU A 161 -14.45 -11.98 -12.85
CA GLU A 161 -13.99 -13.13 -12.08
C GLU A 161 -12.58 -12.92 -11.55
N GLU A 162 -11.74 -12.29 -12.35
CA GLU A 162 -10.34 -12.10 -11.99
C GLU A 162 -9.82 -10.71 -12.37
N GLY A 163 -8.92 -10.18 -11.57
CA GLY A 163 -8.22 -8.94 -11.88
C GLY A 163 -9.08 -7.70 -11.95
N ASN A 164 -8.63 -6.75 -12.77
CA ASN A 164 -9.31 -5.46 -12.90
C ASN A 164 -9.70 -5.19 -14.34
N ARG A 165 -10.99 -4.97 -14.57
CA ARG A 165 -11.51 -4.83 -15.93
C ARG A 165 -12.00 -3.42 -16.25
N TYR A 166 -11.49 -2.86 -17.33
CA TYR A 166 -11.94 -1.56 -17.84
C TYR A 166 -13.29 -1.73 -18.55
N ASP A 167 -14.32 -1.08 -18.01
CA ASP A 167 -15.67 -1.27 -18.55
C ASP A 167 -16.16 -0.07 -19.36
N GLY A 168 -15.32 0.96 -19.47
CA GLY A 168 -15.64 2.09 -20.33
C GLY A 168 -15.92 3.41 -19.65
N ILE A 169 -16.64 4.27 -20.36
CA ILE A 169 -16.90 5.63 -19.92
C ILE A 169 -18.27 5.80 -19.25
N TYR A 170 -18.26 6.38 -18.06
CA TYR A 170 -19.49 6.70 -17.34
C TYR A 170 -19.55 8.20 -17.06
N LYS A 171 -20.72 8.69 -16.67
CA LYS A 171 -20.89 10.09 -16.36
C LYS A 171 -21.71 10.28 -15.09
N VAL A 172 -21.43 11.36 -14.36
CA VAL A 172 -22.10 11.63 -13.10
C VAL A 172 -23.45 12.31 -13.33
N VAL A 173 -24.53 11.60 -13.02
CA VAL A 173 -25.87 12.14 -13.16
C VAL A 173 -26.20 13.07 -12.00
N LYS A 174 -25.86 12.64 -10.79
CA LYS A 174 -26.07 13.47 -9.60
C LYS A 174 -25.20 13.01 -8.44
N TYR A 175 -25.20 13.79 -7.37
CA TYR A 175 -24.46 13.45 -6.16
C TYR A 175 -25.11 14.09 -4.94
N TRP A 176 -24.93 13.46 -3.78
CA TRP A 176 -25.57 13.90 -2.55
C TRP A 176 -24.92 13.26 -1.33
N PRO A 177 -24.93 13.98 -0.20
CA PRO A 177 -24.39 13.43 1.05
C PRO A 177 -25.43 12.61 1.81
N GLU A 178 -25.00 11.52 2.45
CA GLU A 178 -25.91 10.68 3.21
C GLU A 178 -25.19 9.87 4.28
N ILE A 179 -25.93 9.47 5.31
CA ILE A 179 -25.40 8.61 6.35
C ILE A 179 -25.25 7.17 5.85
N SER A 180 -24.04 6.65 5.92
CA SER A 180 -23.77 5.29 5.45
C SER A 180 -24.48 4.24 6.29
N SER A 181 -25.17 3.33 5.63
CA SER A 181 -25.90 2.27 6.31
C SER A 181 -24.98 1.20 6.90
N SER A 182 -23.71 1.23 6.52
CA SER A 182 -22.78 0.17 6.91
C SER A 182 -21.90 0.55 8.10
N HIS A 183 -21.84 1.84 8.44
CA HIS A 183 -21.04 2.27 9.58
C HIS A 183 -21.59 3.53 10.26
N GLY A 184 -22.71 4.03 9.76
CA GLY A 184 -23.44 5.09 10.45
C GLY A 184 -22.86 6.49 10.36
N PHE A 185 -21.83 6.68 9.53
CA PHE A 185 -21.26 8.01 9.35
C PHE A 185 -21.64 8.59 7.99
N LEU A 186 -21.56 9.91 7.87
CA LEU A 186 -21.97 10.60 6.64
C LEU A 186 -20.98 10.35 5.52
N VAL A 187 -21.50 9.95 4.36
CA VAL A 187 -20.68 9.74 3.17
C VAL A 187 -21.28 10.45 1.96
N TRP A 188 -20.45 10.76 0.98
CA TRP A 188 -20.92 11.35 -0.26
C TRP A 188 -21.18 10.28 -1.31
N ARG A 189 -22.38 10.30 -1.89
CA ARG A 189 -22.76 9.29 -2.87
C ARG A 189 -22.83 9.90 -4.27
N TYR A 190 -22.51 9.07 -5.26
CA TYR A 190 -22.49 9.53 -6.65
C TYR A 190 -23.22 8.53 -7.54
N LEU A 191 -23.98 9.05 -8.51
CA LEU A 191 -24.66 8.19 -9.47
C LEU A 191 -23.93 8.23 -10.81
N LEU A 192 -23.44 7.08 -11.25
CA LEU A 192 -22.75 6.98 -12.52
C LEU A 192 -23.58 6.21 -13.53
N ARG A 193 -23.68 6.76 -14.74
CA ARG A 193 -24.45 6.16 -15.82
C ARG A 193 -23.61 6.03 -17.08
N ARG A 194 -23.65 4.87 -17.71
CA ARG A 194 -22.78 4.57 -18.85
C ARG A 194 -23.19 5.31 -20.12
N ASP A 195 -22.20 5.85 -20.82
CA ASP A 195 -22.41 6.48 -22.11
C ASP A 195 -21.20 6.22 -23.00
N ASP A 196 -21.18 5.05 -23.64
CA ASP A 196 -20.04 4.62 -24.43
C ASP A 196 -20.51 3.85 -25.66
N VAL A 197 -19.90 4.15 -26.80
CA VAL A 197 -20.24 3.46 -28.05
C VAL A 197 -19.77 2.00 -27.99
N GLU A 198 -18.74 1.74 -27.20
CA GLU A 198 -18.23 0.39 -27.03
C GLU A 198 -19.19 -0.44 -26.18
N PRO A 199 -19.50 -1.66 -26.65
CA PRO A 199 -20.45 -2.54 -25.97
C PRO A 199 -19.92 -3.03 -24.63
N ALA A 200 -20.83 -3.18 -23.65
CA ALA A 200 -20.45 -3.65 -22.32
C ALA A 200 -19.98 -5.11 -22.37
N PRO A 201 -18.97 -5.44 -21.57
CA PRO A 201 -18.38 -6.78 -21.56
C PRO A 201 -19.36 -7.90 -21.20
N TRP A 202 -20.42 -7.56 -20.48
CA TRP A 202 -21.40 -8.57 -20.06
C TRP A 202 -22.53 -8.72 -21.09
N THR A 203 -22.59 -7.81 -22.04
CA THR A 203 -23.58 -7.90 -23.11
C THR A 203 -23.10 -8.88 -24.18
N SER A 204 -24.03 -9.41 -24.96
CA SER A 204 -23.71 -10.36 -26.02
C SER A 204 -22.70 -9.79 -27.01
N GLU A 205 -22.92 -8.54 -27.41
CA GLU A 205 -22.04 -7.87 -28.37
C GLU A 205 -20.64 -7.68 -27.78
N GLY A 206 -20.59 -7.32 -26.50
CA GLY A 206 -19.32 -7.15 -25.81
C GLY A 206 -18.60 -8.47 -25.65
N ILE A 207 -19.35 -9.54 -25.45
CA ILE A 207 -18.79 -10.88 -25.39
C ILE A 207 -18.17 -11.25 -26.73
N GLU A 208 -18.93 -11.02 -27.81
CA GLU A 208 -18.46 -11.32 -29.16
C GLU A 208 -17.20 -10.52 -29.49
N ARG A 209 -17.16 -9.28 -29.02
CA ARG A 209 -16.01 -8.41 -29.29
C ARG A 209 -14.78 -8.84 -28.49
N SER A 210 -14.98 -9.14 -27.21
CA SER A 210 -13.89 -9.60 -26.35
C SER A 210 -13.31 -10.90 -26.85
N ARG A 211 -14.17 -11.79 -27.33
CA ARG A 211 -13.74 -13.05 -27.93
C ARG A 211 -12.98 -12.80 -29.22
N ARG A 212 -13.53 -11.93 -30.07
CA ARG A 212 -12.96 -11.60 -31.36
C ARG A 212 -11.54 -11.03 -31.23
N LEU A 213 -11.31 -10.20 -30.22
CA LEU A 213 -10.01 -9.59 -30.00
C LEU A 213 -9.15 -10.42 -29.07
N CYS A 214 -9.68 -11.57 -28.65
CA CYS A 214 -8.98 -12.48 -27.74
C CYS A 214 -8.52 -11.79 -26.46
N LEU A 215 -9.38 -10.95 -25.90
CA LEU A 215 -9.06 -10.23 -24.67
C LEU A 215 -9.13 -11.15 -23.46
N ARG A 216 -7.97 -11.41 -22.86
CA ARG A 216 -7.89 -12.31 -21.71
C ARG A 216 -7.07 -11.70 -20.57
N LEU A 217 -7.17 -12.30 -19.40
CA LEU A 217 -6.45 -11.82 -18.21
C LEU A 217 -4.94 -11.79 -18.43
N GLN A 218 -4.36 -10.60 -18.32
CA GLN A 218 -2.93 -10.43 -18.53
C GLN A 218 -2.18 -10.30 -17.21
N TYR A 219 -1.21 -11.19 -17.01
CA TYR A 219 -0.33 -11.13 -15.85
C TYR A 219 0.92 -10.34 -16.19
N PRO A 220 1.61 -9.82 -15.16
CA PRO A 220 2.88 -9.10 -15.42
C PRO A 220 3.91 -9.99 -16.09
N ALA A 221 4.81 -9.38 -16.85
CA ALA A 221 5.80 -10.14 -17.62
C ALA A 221 6.68 -11.02 -16.74
N GLY A 222 6.63 -12.32 -16.99
CA GLY A 222 7.45 -13.27 -16.26
C GLY A 222 6.92 -13.56 -14.86
N TYR A 223 5.60 -13.58 -14.71
CA TYR A 223 4.99 -13.83 -13.41
C TYR A 223 4.88 -15.32 -13.10
N PRO A 224 5.29 -15.71 -11.88
CA PRO A 224 5.24 -17.10 -11.44
C PRO A 224 3.81 -17.59 -11.21
N ILE B 23 12.52 -20.84 -1.25
CA ILE B 23 13.86 -21.27 -0.89
C ILE B 23 13.96 -21.53 0.62
N VAL B 24 13.52 -20.56 1.41
CA VAL B 24 13.55 -20.69 2.86
C VAL B 24 12.15 -20.49 3.44
N PRO B 25 11.86 -21.11 4.60
CA PRO B 25 10.55 -20.95 5.23
C PRO B 25 10.31 -19.53 5.73
N SER B 26 9.05 -19.17 5.94
CA SER B 26 8.69 -17.83 6.38
C SER B 26 9.10 -17.58 7.83
N ASN B 27 9.27 -18.66 8.60
CA ASN B 27 9.65 -18.53 10.00
C ASN B 27 11.15 -18.74 10.21
N HIS B 28 11.94 -18.44 9.19
CA HIS B 28 13.38 -18.61 9.25
C HIS B 28 14.06 -17.53 10.11
N TYR B 29 14.81 -17.96 11.12
CA TYR B 29 15.58 -17.06 11.95
C TYR B 29 17.00 -16.91 11.44
N GLY B 30 17.54 -15.70 11.51
CA GLY B 30 18.92 -15.46 11.12
C GLY B 30 19.09 -14.94 9.71
N PRO B 31 20.35 -14.76 9.29
CA PRO B 31 20.68 -14.25 7.95
C PRO B 31 20.21 -15.17 6.82
N ILE B 32 19.85 -14.57 5.69
CA ILE B 32 19.45 -15.34 4.51
C ILE B 32 20.70 -15.74 3.72
N PRO B 33 20.84 -17.05 3.44
CA PRO B 33 22.01 -17.59 2.73
C PRO B 33 22.29 -16.91 1.40
N GLY B 34 23.54 -16.52 1.18
CA GLY B 34 23.96 -15.91 -0.07
C GLY B 34 23.78 -14.41 -0.11
N ILE B 35 23.21 -13.84 0.93
CA ILE B 35 22.98 -12.40 1.00
C ILE B 35 23.78 -11.76 2.11
N PRO B 36 24.93 -11.15 1.78
CA PRO B 36 25.81 -10.50 2.73
C PRO B 36 25.31 -9.12 3.17
N VAL B 37 25.73 -8.70 4.36
CA VAL B 37 25.41 -7.36 4.84
C VAL B 37 25.93 -6.30 3.88
N GLY B 38 25.08 -5.31 3.57
CA GLY B 38 25.44 -4.27 2.63
C GLY B 38 24.62 -4.32 1.36
N SER B 39 23.90 -5.41 1.17
CA SER B 39 23.02 -5.57 0.01
C SER B 39 21.91 -4.51 0.04
N THR B 40 21.60 -3.94 -1.12
CA THR B 40 20.64 -2.85 -1.19
C THR B 40 19.64 -3.00 -2.33
N TRP B 41 18.36 -2.83 -2.03
CA TRP B 41 17.31 -2.88 -3.03
C TRP B 41 16.50 -1.59 -3.01
N ARG B 42 16.04 -1.17 -4.18
CA ARG B 42 15.29 0.07 -4.32
C ARG B 42 13.91 0.00 -3.66
N PHE B 43 13.20 -1.09 -3.89
CA PHE B 43 11.82 -1.21 -3.44
C PHE B 43 11.63 -2.31 -2.39
N ARG B 44 10.62 -2.13 -1.55
CA ARG B 44 10.26 -3.09 -0.52
C ARG B 44 9.88 -4.46 -1.09
N VAL B 45 9.25 -4.45 -2.27
CA VAL B 45 8.82 -5.68 -2.92
C VAL B 45 10.03 -6.56 -3.27
N GLN B 46 11.16 -5.93 -3.60
CA GLN B 46 12.38 -6.65 -3.87
C GLN B 46 12.86 -7.37 -2.61
N VAL B 47 12.74 -6.70 -1.48
CA VAL B 47 13.10 -7.26 -0.19
C VAL B 47 12.17 -8.41 0.17
N SER B 48 10.91 -8.28 -0.22
CA SER B 48 9.91 -9.32 0.02
C SER B 48 10.24 -10.57 -0.78
N GLU B 49 10.48 -10.40 -2.08
CA GLU B 49 10.82 -11.52 -2.96
C GLU B 49 12.16 -12.15 -2.59
N ALA B 50 13.06 -11.34 -2.04
CA ALA B 50 14.36 -11.84 -1.62
C ALA B 50 14.25 -12.68 -0.34
N GLY B 51 13.13 -12.56 0.35
CA GLY B 51 12.88 -13.33 1.55
C GLY B 51 13.42 -12.69 2.82
N VAL B 52 14.06 -11.54 2.67
CA VAL B 52 14.65 -10.83 3.80
C VAL B 52 13.57 -10.22 4.68
N HIS B 53 12.59 -9.57 4.05
CA HIS B 53 11.46 -9.00 4.77
C HIS B 53 10.19 -9.18 3.96
N ARG B 54 9.45 -10.23 4.31
CA ARG B 54 8.29 -10.67 3.53
C ARG B 54 7.16 -9.65 3.35
N PRO B 55 6.80 -8.87 4.40
CA PRO B 55 5.72 -7.91 4.18
C PRO B 55 6.07 -6.84 3.13
N HIS B 56 5.09 -6.47 2.32
CA HIS B 56 5.29 -5.44 1.29
C HIS B 56 5.25 -4.04 1.89
N VAL B 57 4.49 -3.88 2.97
CA VAL B 57 4.31 -2.58 3.61
C VAL B 57 4.77 -2.60 5.06
N GLY B 58 4.27 -3.58 5.81
CA GLY B 58 4.54 -3.69 7.23
C GLY B 58 6.00 -3.61 7.62
N GLY B 59 6.27 -2.95 8.75
CA GLY B 59 7.62 -2.76 9.21
C GLY B 59 8.19 -3.96 9.94
N ILE B 60 7.32 -4.74 10.55
CA ILE B 60 7.76 -5.88 11.35
C ILE B 60 7.25 -7.21 10.81
N HIS B 61 8.17 -8.14 10.56
CA HIS B 61 7.80 -9.50 10.19
C HIS B 61 8.07 -10.46 11.35
N GLY B 62 6.99 -11.02 11.88
CA GLY B 62 7.07 -11.97 12.97
C GLY B 62 5.73 -12.64 13.24
N ARG B 63 5.69 -13.54 14.22
CA ARG B 63 4.46 -14.21 14.61
C ARG B 63 4.20 -14.03 16.10
N SER B 64 2.95 -13.69 16.44
CA SER B 64 2.58 -13.28 17.79
C SER B 64 2.82 -14.35 18.86
N ASN B 65 2.84 -15.61 18.45
CA ASN B 65 3.04 -16.70 19.39
C ASN B 65 4.35 -17.44 19.16
N ASP B 66 5.28 -16.78 18.48
CA ASP B 66 6.60 -17.35 18.22
C ASP B 66 7.69 -16.32 18.47
N GLY B 67 7.80 -15.36 17.55
CA GLY B 67 8.80 -14.31 17.66
C GLY B 67 8.87 -13.48 16.39
N ALA B 68 9.80 -12.52 16.37
CA ALA B 68 9.96 -11.65 15.21
C ALA B 68 11.14 -12.09 14.36
N TYR B 69 10.98 -12.03 13.04
CA TYR B 69 12.03 -12.48 12.14
C TYR B 69 12.79 -11.32 11.51
N SER B 70 12.12 -10.19 11.30
CA SER B 70 12.78 -9.04 10.70
C SER B 70 12.08 -7.71 10.97
N LEU B 71 12.81 -6.61 10.77
CA LEU B 71 12.22 -5.28 10.94
C LEU B 71 12.89 -4.23 10.05
N VAL B 72 12.18 -3.12 9.84
CA VAL B 72 12.63 -2.06 8.94
C VAL B 72 12.64 -0.69 9.63
N LEU B 73 13.76 0.03 9.49
CA LEU B 73 13.88 1.38 10.00
C LEU B 73 13.67 2.41 8.88
N ALA B 74 12.51 3.06 8.89
CA ALA B 74 12.19 4.03 7.85
C ALA B 74 11.84 5.39 8.44
N GLY B 75 12.27 5.63 9.67
CA GLY B 75 12.11 6.93 10.31
C GLY B 75 10.66 7.32 10.59
N GLY B 76 9.81 6.32 10.77
CA GLY B 76 8.39 6.56 11.03
C GLY B 76 8.12 7.31 12.33
N PHE B 77 9.07 7.25 13.26
CA PHE B 77 8.93 7.93 14.54
C PHE B 77 10.08 8.92 14.77
N ALA B 78 9.71 10.18 14.96
CA ALA B 78 10.70 11.26 15.08
C ALA B 78 11.52 11.17 16.37
N ASP B 79 11.07 10.37 17.32
CA ASP B 79 11.73 10.29 18.62
C ASP B 79 12.69 9.10 18.73
N GLU B 80 12.79 8.32 17.65
CA GLU B 80 13.71 7.19 17.64
C GLU B 80 15.16 7.64 17.48
N VAL B 81 16.08 6.81 17.96
CA VAL B 81 17.50 7.11 17.86
C VAL B 81 18.24 5.96 17.16
N ASP B 82 19.45 6.24 16.70
CA ASP B 82 20.26 5.24 16.01
C ASP B 82 21.75 5.53 16.20
N ARG B 83 22.44 4.62 16.88
CA ARG B 83 23.87 4.76 17.11
C ARG B 83 24.63 3.68 16.34
N GLY B 84 23.94 3.05 15.39
CA GLY B 84 24.54 2.00 14.59
C GLY B 84 24.50 0.65 15.28
N ASP B 85 25.38 0.45 16.26
CA ASP B 85 25.42 -0.79 17.01
C ASP B 85 24.19 -0.95 17.89
N GLU B 86 23.59 0.18 18.25
CA GLU B 86 22.39 0.18 19.08
C GLU B 86 21.36 1.17 18.53
N PHE B 87 20.08 0.82 18.60
CA PHE B 87 19.03 1.75 18.21
C PHE B 87 17.69 1.42 18.87
N THR B 88 16.81 2.41 18.93
CA THR B 88 15.47 2.21 19.47
C THR B 88 14.47 1.96 18.34
N TYR B 89 13.40 1.24 18.67
CA TYR B 89 12.36 0.91 17.69
C TYR B 89 10.98 1.04 18.34
N THR B 90 9.97 1.33 17.53
CA THR B 90 8.63 1.54 18.05
C THR B 90 7.63 0.58 17.41
N GLY B 91 6.73 0.02 18.23
CA GLY B 91 5.72 -0.90 17.77
C GLY B 91 4.70 -0.26 16.85
N SER B 92 3.83 -1.09 16.26
CA SER B 92 2.80 -0.62 15.36
C SER B 92 1.43 -0.61 16.03
N SER B 107 -3.63 7.23 16.99
CA SER B 107 -4.79 7.89 17.57
C SER B 107 -5.16 7.31 18.92
N ALA B 108 -4.57 6.16 19.25
CA ALA B 108 -4.83 5.49 20.52
C ALA B 108 -3.56 4.84 21.07
N ASP B 109 -3.62 4.38 22.31
CA ASP B 109 -2.48 3.74 22.95
C ASP B 109 -2.19 2.38 22.31
N GLN B 110 -0.92 2.06 22.17
CA GLN B 110 -0.51 0.79 21.58
C GLN B 110 -0.57 -0.35 22.61
N THR B 111 -0.67 -1.58 22.11
CA THR B 111 -0.72 -2.75 22.96
C THR B 111 0.33 -3.78 22.54
N LEU B 112 0.69 -4.66 23.47
CA LEU B 112 1.69 -5.69 23.21
C LEU B 112 1.04 -6.92 22.57
N THR B 113 0.55 -6.75 21.35
CA THR B 113 -0.08 -7.86 20.60
C THR B 113 0.46 -7.93 19.18
N ASN B 114 0.17 -9.04 18.51
CA ASN B 114 0.61 -9.28 17.13
C ASN B 114 2.13 -9.15 16.96
N MET B 115 2.53 -8.24 16.06
CA MET B 115 3.93 -8.06 15.74
C MET B 115 4.75 -7.53 16.91
N ASN B 116 4.12 -6.71 17.76
CA ASN B 116 4.79 -6.16 18.93
C ASN B 116 5.14 -7.25 19.93
N ARG B 117 4.17 -8.13 20.21
CA ARG B 117 4.38 -9.26 21.10
C ARG B 117 5.43 -10.20 20.50
N ALA B 118 5.37 -10.35 19.18
CA ALA B 118 6.35 -11.15 18.45
C ALA B 118 7.77 -10.64 18.70
N LEU B 119 7.94 -9.33 18.57
CA LEU B 119 9.25 -8.71 18.81
C LEU B 119 9.66 -8.86 20.27
N ALA B 120 8.69 -8.76 21.17
CA ALA B 120 8.94 -8.90 22.60
C ALA B 120 9.44 -10.31 22.95
N LEU B 121 8.94 -11.31 22.22
CA LEU B 121 9.30 -12.69 22.49
C LEU B 121 10.76 -12.99 22.18
N ASN B 122 11.36 -12.21 21.29
CA ASN B 122 12.76 -12.41 20.91
C ASN B 122 13.73 -12.07 22.04
N CYS B 123 13.28 -11.21 22.95
CA CYS B 123 14.10 -10.81 24.08
C CYS B 123 14.24 -11.97 25.07
N ASP B 124 15.47 -12.21 25.54
CA ASP B 124 15.72 -13.26 26.51
C ASP B 124 15.28 -12.80 27.90
N ALA B 125 13.97 -12.78 28.12
CA ALA B 125 13.41 -12.29 29.38
C ALA B 125 11.93 -12.65 29.47
N PRO B 126 11.42 -12.79 30.71
CA PRO B 126 9.98 -13.05 30.91
C PRO B 126 9.12 -11.94 30.33
N LEU B 127 7.98 -12.31 29.75
CA LEU B 127 7.08 -11.33 29.13
C LEU B 127 6.36 -10.50 30.19
N ASP B 128 6.43 -9.18 30.03
CA ASP B 128 5.76 -8.27 30.95
C ASP B 128 5.02 -7.20 30.17
N ASP B 129 3.69 -7.30 30.15
CA ASP B 129 2.86 -6.39 29.38
C ASP B 129 2.49 -5.13 30.15
N LYS B 130 3.12 -4.93 31.30
CA LYS B 130 2.86 -3.75 32.11
C LYS B 130 4.02 -2.75 32.07
N ILE B 131 5.21 -3.20 32.46
CA ILE B 131 6.37 -2.32 32.52
C ILE B 131 7.51 -2.82 31.65
N GLY B 132 7.27 -3.91 30.92
CA GLY B 132 8.29 -4.50 30.09
C GLY B 132 9.33 -5.23 30.91
N ALA B 133 10.43 -5.61 30.27
CA ALA B 133 11.48 -6.36 30.96
C ALA B 133 12.84 -6.16 30.30
N GLU B 134 13.90 -6.51 31.03
CA GLU B 134 15.26 -6.40 30.51
C GLU B 134 15.92 -7.78 30.49
N SER B 135 16.53 -8.12 29.36
CA SER B 135 17.15 -9.42 29.19
C SER B 135 18.32 -9.63 30.16
N ARG B 136 18.48 -10.86 30.62
CA ARG B 136 19.59 -11.22 31.49
C ARG B 136 20.83 -11.47 30.63
N ASN B 137 20.62 -12.13 29.50
CA ASN B 137 21.67 -12.36 28.53
C ASN B 137 21.19 -11.96 27.13
N TRP B 138 21.46 -10.73 26.75
CA TRP B 138 20.93 -10.18 25.49
C TRP B 138 21.37 -10.97 24.27
N ARG B 139 22.55 -11.58 24.32
CA ARG B 139 23.04 -12.39 23.21
C ARG B 139 22.27 -13.69 23.06
N ALA B 140 21.60 -14.10 24.13
CA ALA B 140 20.80 -15.33 24.10
C ALA B 140 19.46 -15.10 23.43
N GLY B 141 19.12 -13.82 23.22
CA GLY B 141 17.87 -13.45 22.58
C GLY B 141 17.80 -13.92 21.14
N LYS B 142 16.59 -13.97 20.60
CA LYS B 142 16.39 -14.41 19.22
C LYS B 142 16.94 -13.38 18.24
N PRO B 143 17.58 -13.85 17.15
CA PRO B 143 18.17 -12.99 16.13
C PRO B 143 17.13 -12.29 15.27
N VAL B 144 17.37 -11.01 14.95
CA VAL B 144 16.44 -10.24 14.13
C VAL B 144 17.16 -9.59 12.95
N ARG B 145 16.67 -9.86 11.74
CA ARG B 145 17.21 -9.21 10.55
C ARG B 145 16.78 -7.75 10.51
N VAL B 146 17.75 -6.84 10.38
CA VAL B 146 17.43 -5.42 10.40
C VAL B 146 17.74 -4.73 9.08
N ILE B 147 16.73 -4.06 8.52
CA ILE B 147 16.89 -3.36 7.25
C ILE B 147 16.69 -1.86 7.40
N ARG B 148 17.70 -1.07 7.08
CA ARG B 148 17.58 0.38 7.15
C ARG B 148 17.21 0.98 5.79
N SER B 149 16.18 1.82 5.80
CA SER B 149 15.73 2.50 4.59
C SER B 149 16.26 3.92 4.52
N PHE B 150 16.36 4.47 3.31
CA PHE B 150 16.79 5.84 3.10
C PHE B 150 15.83 6.82 3.77
N LYS B 151 14.57 6.40 3.91
CA LYS B 151 13.54 7.22 4.53
C LYS B 151 13.89 7.59 5.97
N GLY B 152 14.77 6.80 6.57
CA GLY B 152 15.22 7.04 7.94
C GLY B 152 16.23 8.16 8.07
N ARG B 153 16.63 8.75 6.95
CA ARG B 153 17.63 9.81 6.95
C ARG B 153 17.21 11.04 7.76
N LYS B 154 15.92 11.21 7.97
CA LYS B 154 15.40 12.38 8.69
C LYS B 154 15.61 12.26 10.19
N ILE B 155 15.89 11.05 10.66
CA ILE B 155 16.09 10.81 12.09
C ILE B 155 17.39 10.07 12.37
N SER B 156 17.95 9.43 11.35
CA SER B 156 19.13 8.60 11.53
C SER B 156 20.24 8.95 10.54
N LYS B 157 21.46 9.08 11.04
CA LYS B 157 22.61 9.36 10.22
C LYS B 157 23.16 8.08 9.58
N TYR B 158 22.63 6.95 10.02
CA TYR B 158 23.09 5.65 9.55
C TYR B 158 22.25 5.11 8.40
N ALA B 159 21.15 5.79 8.12
CA ALA B 159 20.29 5.42 7.00
C ALA B 159 21.04 5.56 5.69
N PRO B 160 20.83 4.62 4.76
CA PRO B 160 21.51 4.65 3.46
C PRO B 160 21.04 5.81 2.58
N GLU B 161 21.83 6.16 1.58
CA GLU B 161 21.47 7.25 0.68
C GLU B 161 20.27 6.88 -0.19
N GLU B 162 20.22 5.63 -0.61
CA GLU B 162 19.16 5.15 -1.50
C GLU B 162 18.66 3.76 -1.12
N GLY B 163 17.38 3.53 -1.35
CA GLY B 163 16.80 2.20 -1.19
C GLY B 163 16.81 1.63 0.21
N ASN B 164 16.86 0.31 0.30
CA ASN B 164 16.79 -0.39 1.58
C ASN B 164 17.99 -1.30 1.77
N ARG B 165 18.74 -1.08 2.85
CA ARG B 165 19.99 -1.80 3.07
C ARG B 165 19.93 -2.76 4.26
N TYR B 166 20.27 -4.02 4.00
CA TYR B 166 20.39 -5.03 5.05
C TYR B 166 21.66 -4.82 5.85
N ASP B 167 21.50 -4.53 7.14
CA ASP B 167 22.65 -4.19 7.98
C ASP B 167 23.03 -5.32 8.93
N GLY B 168 22.29 -6.42 8.89
CA GLY B 168 22.65 -7.60 9.66
C GLY B 168 21.73 -7.99 10.80
N ILE B 169 22.28 -8.72 11.76
CA ILE B 169 21.52 -9.30 12.85
C ILE B 169 21.61 -8.46 14.13
N TYR B 170 20.46 -8.14 14.69
CA TYR B 170 20.38 -7.43 15.96
C TYR B 170 19.59 -8.27 16.97
N LYS B 171 19.68 -7.90 18.24
CA LYS B 171 18.96 -8.61 19.29
C LYS B 171 18.31 -7.63 20.26
N VAL B 172 17.19 -8.04 20.84
CA VAL B 172 16.44 -7.20 21.76
C VAL B 172 17.02 -7.27 23.16
N VAL B 173 17.60 -6.16 23.63
CA VAL B 173 18.16 -6.09 24.97
C VAL B 173 17.05 -5.90 26.00
N LYS B 174 16.11 -5.01 25.71
CA LYS B 174 14.97 -4.77 26.58
C LYS B 174 13.83 -4.09 25.84
N TYR B 175 12.69 -3.98 26.51
CA TYR B 175 11.53 -3.30 25.96
C TYR B 175 10.66 -2.72 27.07
N TRP B 176 9.93 -1.66 26.76
CA TRP B 176 9.13 -0.96 27.76
C TRP B 176 8.12 -0.02 27.10
N PRO B 177 6.97 0.19 27.75
CA PRO B 177 5.96 1.12 27.24
C PRO B 177 6.21 2.55 27.69
N GLU B 178 5.94 3.52 26.82
CA GLU B 178 6.14 4.92 27.15
C GLU B 178 5.27 5.84 26.30
N ILE B 179 4.99 7.03 26.83
CA ILE B 179 4.25 8.04 26.09
C ILE B 179 5.12 8.67 25.00
N SER B 180 4.67 8.58 23.75
CA SER B 180 5.42 9.11 22.62
C SER B 180 5.53 10.63 22.67
N SER B 181 6.75 11.13 22.51
CA SER B 181 7.00 12.58 22.54
C SER B 181 6.49 13.28 21.29
N SER B 182 6.15 12.50 20.26
CA SER B 182 5.80 13.08 18.97
C SER B 182 4.29 13.18 18.74
N HIS B 183 3.50 12.50 19.55
CA HIS B 183 2.05 12.55 19.41
C HIS B 183 1.30 12.32 20.72
N GLY B 184 2.05 12.14 21.81
CA GLY B 184 1.46 12.12 23.14
C GLY B 184 0.70 10.86 23.54
N PHE B 185 0.75 9.83 22.71
CA PHE B 185 0.10 8.57 23.05
C PHE B 185 1.12 7.50 23.45
N LEU B 186 0.64 6.49 24.18
CA LEU B 186 1.51 5.43 24.67
C LEU B 186 2.01 4.52 23.55
N VAL B 187 3.31 4.31 23.50
CA VAL B 187 3.90 3.40 22.52
C VAL B 187 4.86 2.43 23.20
N TRP B 188 5.08 1.29 22.55
CA TRP B 188 6.04 0.31 23.06
C TRP B 188 7.40 0.52 22.40
N ARG B 189 8.44 0.62 23.23
CA ARG B 189 9.79 0.88 22.74
C ARG B 189 10.66 -0.36 22.89
N TYR B 190 11.60 -0.52 21.97
CA TYR B 190 12.50 -1.67 21.96
C TYR B 190 13.94 -1.24 21.76
N LEU B 191 14.85 -1.88 22.48
CA LEU B 191 16.28 -1.62 22.31
C LEU B 191 16.93 -2.74 21.52
N LEU B 192 17.49 -2.40 20.37
CA LEU B 192 18.16 -3.39 19.53
C LEU B 192 19.67 -3.15 19.52
N ARG B 193 20.43 -4.23 19.70
CA ARG B 193 21.88 -4.17 19.74
C ARG B 193 22.48 -5.18 18.76
N ARG B 194 23.46 -4.74 17.98
CA ARG B 194 24.00 -5.58 16.91
C ARG B 194 24.89 -6.70 17.41
N ASP B 195 24.70 -7.89 16.84
CA ASP B 195 25.54 -9.04 17.14
C ASP B 195 25.73 -9.86 15.88
N ASP B 196 26.68 -9.45 15.05
CA ASP B 196 26.91 -10.09 13.76
C ASP B 196 28.40 -10.13 13.45
N VAL B 197 28.86 -11.26 12.95
CA VAL B 197 30.26 -11.43 12.58
C VAL B 197 30.61 -10.57 11.37
N GLU B 198 29.60 -10.29 10.54
CA GLU B 198 29.77 -9.46 9.36
C GLU B 198 29.93 -8.00 9.76
N PRO B 199 30.94 -7.32 9.19
CA PRO B 199 31.23 -5.93 9.53
C PRO B 199 30.13 -4.97 9.07
N ALA B 200 29.89 -3.93 9.86
CA ALA B 200 28.86 -2.94 9.53
C ALA B 200 29.25 -2.14 8.29
N PRO B 201 28.24 -1.82 7.45
CA PRO B 201 28.47 -1.12 6.17
C PRO B 201 29.12 0.25 6.32
N TRP B 202 28.97 0.88 7.48
CA TRP B 202 29.53 2.21 7.71
C TRP B 202 30.95 2.13 8.29
N THR B 203 31.34 0.94 8.71
CA THR B 203 32.70 0.73 9.22
C THR B 203 33.67 0.56 8.06
N SER B 204 34.95 0.81 8.32
CA SER B 204 35.99 0.68 7.31
C SER B 204 36.02 -0.71 6.69
N GLU B 205 35.93 -1.73 7.54
CA GLU B 205 35.96 -3.11 7.08
C GLU B 205 34.74 -3.43 6.22
N GLY B 206 33.58 -2.91 6.63
CA GLY B 206 32.35 -3.10 5.89
C GLY B 206 32.40 -2.39 4.55
N ILE B 207 33.05 -1.23 4.52
CA ILE B 207 33.27 -0.50 3.29
C ILE B 207 34.15 -1.31 2.34
N GLU B 208 35.26 -1.82 2.87
CA GLU B 208 36.18 -2.63 2.09
C GLU B 208 35.50 -3.87 1.53
N ARG B 209 34.62 -4.46 2.33
CA ARG B 209 33.91 -5.67 1.93
C ARG B 209 32.86 -5.38 0.86
N SER B 210 32.10 -4.30 1.06
CA SER B 210 31.08 -3.89 0.10
C SER B 210 31.71 -3.53 -1.24
N ARG B 211 32.86 -2.88 -1.19
CA ARG B 211 33.62 -2.56 -2.39
C ARG B 211 34.13 -3.82 -3.06
N ARG B 212 34.69 -4.72 -2.26
CA ARG B 212 35.26 -5.97 -2.74
C ARG B 212 34.23 -6.83 -3.48
N LEU B 213 33.01 -6.85 -2.96
CA LEU B 213 31.95 -7.66 -3.56
C LEU B 213 31.12 -6.85 -4.57
N CYS B 214 31.53 -5.62 -4.80
CA CYS B 214 30.86 -4.72 -5.74
C CYS B 214 29.37 -4.57 -5.44
N LEU B 215 29.03 -4.45 -4.16
CA LEU B 215 27.64 -4.30 -3.75
C LEU B 215 27.12 -2.89 -4.06
N ARG B 216 26.19 -2.80 -4.99
CA ARG B 216 25.62 -1.52 -5.40
C ARG B 216 24.09 -1.57 -5.44
N LEU B 217 23.48 -0.39 -5.52
CA LEU B 217 22.02 -0.28 -5.57
C LEU B 217 21.42 -1.04 -6.75
N GLN B 218 20.57 -2.02 -6.45
CA GLN B 218 19.95 -2.84 -7.47
C GLN B 218 18.50 -2.42 -7.74
N TYR B 219 18.23 -2.08 -8.99
CA TYR B 219 16.87 -1.77 -9.43
C TYR B 219 16.19 -3.02 -9.95
N PRO B 220 14.84 -3.03 -9.98
CA PRO B 220 14.12 -4.17 -10.55
C PRO B 220 14.48 -4.40 -12.02
N ALA B 221 14.36 -5.63 -12.48
CA ALA B 221 14.76 -6.00 -13.85
C ALA B 221 13.98 -5.20 -14.89
N GLY B 222 14.72 -4.45 -15.71
CA GLY B 222 14.11 -3.67 -16.78
C GLY B 222 13.42 -2.42 -16.30
N TYR B 223 13.97 -1.78 -15.28
CA TYR B 223 13.37 -0.56 -14.72
C TYR B 223 13.78 0.67 -15.52
N PRO B 224 12.80 1.53 -15.84
CA PRO B 224 13.05 2.76 -16.60
C PRO B 224 13.78 3.81 -15.76
#